data_8HHM
#
_entry.id   8HHM
#
_cell.length_a   1.00
_cell.length_b   1.00
_cell.length_c   1.00
_cell.angle_alpha   90.00
_cell.angle_beta   90.00
_cell.angle_gamma   90.00
#
_symmetry.space_group_name_H-M   'P 1'
#
loop_
_entity.id
_entity.type
_entity.pdbx_description
1 polymer 'RNA (56-MER)'
2 polymer 'DNA (36-MER)'
3 polymer 'DNA (36-MER)'
4 polymer Cas12m2
5 non-polymer 'MAGNESIUM ION'
6 non-polymer 'ZINC ION'
#
loop_
_entity_poly.entity_id
_entity_poly.type
_entity_poly.pdbx_seq_one_letter_code
_entity_poly.pdbx_strand_id
1 'polyribonucleotide' GUGUCAUAGCCCAGCUUGGCGGGCGAAGGCCAAGACGGAGAUGAGGUGCGCGUGGCG B
2 'polydeoxyribonucleotide'
;(DG)(DA)(DT)(DG)(DG)(DT)(DG)(DC)(DC)(DA)(DC)(DG)(DC)(DG)(DC)(DA)(DC)(DC)(DT)(DC)
(DA)(DT)(DC)(DT)(DC)(DC)(DC)(DA)(DA)(DA)(DT)(DA)(DG)(DA)(DC)(DA)
;
C
3 'polydeoxyribonucleotide'
;(DT)(DG)(DT)(DC)(DT)(DA)(DT)(DT)(DT)(DG)(DG)(DG)(DA)(DG)(DA)(DT)(DG)(DA)(DG)(DG)
(DT)(DG)(DC)(DG)(DC)(DG)(DT)(DG)(DG)(DC)(DA)(DC)(DC)(DA)(DT)(DC)
;
D
4 'polypeptide(L)'
;GGMTTMTVHTMGVHYKWQIPEVLRQQLWLAHNLREDLVSLQLAYDDDLKAIWSSYPDVAQAEDTMAAAEADAVALSERVK
QARIEARSKKISTELTQQLRDAKKRLKDARQARRDAIAVVKDDAAERRKARSDQLAADQKALYGQYCRDGDLYWASFNTV
LDHHKTAVKRIAAQRASGKPATLRHHRFDGSGTIAVQLQRQAGAPPRTPMVLADEAGKYRNVLHIPGWTDPDVWEQMTRS
QCRQSGRVTVRMRCGSTDGQPQWIDLPVQVHRWLPADADITGAELVVTRVAGIYRAKLCVTARIGDTEPVTSGPTVALHL
GWRSTEEGTAVATWRSDAPLDIPFGLRTVMRVDAAGTSGIIVVPATIERRLTRTENIASSRSLALDALRDKVVGWLSDND
APTYRDAPLEAATVKQWKSPQRFASLAHAWKDNGTEISDILWAWFSLDRKQWAQQENGRRKALGHRDDLYRQIAAVISDQ
AGHVLVDDTSVAELSARAMERTELPTEVQQKIDRRRDHAAPGGLRASVVAAMTRDGVPVTIVAAADFTRTHSRCGHVNPA
DDRYLSNPVRCDGCGAMYDQDRSFVTLMLRAATAPSNP
;
A
#
loop_
_chem_comp.id
_chem_comp.type
_chem_comp.name
_chem_comp.formula
A RNA linking ADENOSINE-5'-MONOPHOSPHATE 'C10 H14 N5 O7 P'
C RNA linking CYTIDINE-5'-MONOPHOSPHATE 'C9 H14 N3 O8 P'
DA DNA linking 2'-DEOXYADENOSINE-5'-MONOPHOSPHATE 'C10 H14 N5 O6 P'
DC DNA linking 2'-DEOXYCYTIDINE-5'-MONOPHOSPHATE 'C9 H14 N3 O7 P'
DG DNA linking 2'-DEOXYGUANOSINE-5'-MONOPHOSPHATE 'C10 H14 N5 O7 P'
DT DNA linking THYMIDINE-5'-MONOPHOSPHATE 'C10 H15 N2 O8 P'
G RNA linking GUANOSINE-5'-MONOPHOSPHATE 'C10 H14 N5 O8 P'
MG non-polymer 'MAGNESIUM ION' 'Mg 2'
U RNA linking URIDINE-5'-MONOPHOSPHATE 'C9 H13 N2 O9 P'
ZN non-polymer 'ZINC ION' 'Zn 2'
#
# COMPACT_ATOMS: atom_id res chain seq x y z
N MET D 3 16.57 15.62 14.05
CA MET D 3 15.28 16.28 14.20
C MET D 3 14.32 15.92 13.07
N THR D 4 14.88 15.57 11.91
CA THR D 4 14.08 15.31 10.73
C THR D 4 13.65 13.86 10.72
N THR D 5 12.47 13.57 11.26
CA THR D 5 11.95 12.21 11.19
C THR D 5 10.45 12.29 10.90
N MET D 6 10.11 12.31 9.61
CA MET D 6 8.73 12.44 9.20
C MET D 6 7.92 11.21 9.60
N THR D 7 6.72 11.44 10.11
CA THR D 7 5.78 10.39 10.46
C THR D 7 4.40 10.76 9.95
N VAL D 8 3.53 9.76 9.85
CA VAL D 8 2.17 9.93 9.38
C VAL D 8 1.22 9.27 10.37
N HIS D 9 0.24 10.04 10.87
CA HIS D 9 -0.79 9.52 11.74
C HIS D 9 -2.12 9.54 10.98
N THR D 10 -2.81 8.41 10.96
CA THR D 10 -4.01 8.26 10.16
C THR D 10 -5.24 8.10 11.05
N MET D 11 -6.33 8.73 10.63
CA MET D 11 -7.61 8.66 11.33
C MET D 11 -8.68 8.21 10.35
N GLY D 12 -9.54 7.30 10.79
CA GLY D 12 -10.57 6.77 9.93
C GLY D 12 -11.89 7.50 10.06
N VAL D 13 -12.39 8.05 8.96
CA VAL D 13 -13.67 8.73 8.97
C VAL D 13 -14.78 7.74 9.29
N HIS D 14 -15.82 8.24 9.96
CA HIS D 14 -16.97 7.40 10.29
C HIS D 14 -17.56 6.79 9.02
N TYR D 15 -17.93 5.53 9.10
CA TYR D 15 -18.48 4.86 7.94
C TYR D 15 -19.82 5.42 7.51
N LYS D 16 -20.52 6.11 8.41
CA LYS D 16 -21.77 6.80 8.07
C LYS D 16 -21.49 8.27 7.75
N TRP D 17 -20.64 8.48 6.74
CA TRP D 17 -20.36 9.81 6.23
C TRP D 17 -20.38 9.76 4.71
N GLN D 18 -21.53 10.11 4.13
CA GLN D 18 -21.63 10.18 2.68
C GLN D 18 -20.73 11.28 2.14
N ILE D 19 -20.11 11.03 1.00
CA ILE D 19 -19.17 11.97 0.42
C ILE D 19 -19.93 13.19 -0.06
N PRO D 20 -19.63 14.38 0.45
CA PRO D 20 -20.33 15.58 0.01
C PRO D 20 -19.96 15.94 -1.41
N GLU D 21 -20.79 16.78 -2.02
CA GLU D 21 -20.57 17.12 -3.42
C GLU D 21 -19.28 17.91 -3.61
N VAL D 22 -18.90 18.73 -2.63
CA VAL D 22 -17.67 19.50 -2.75
C VAL D 22 -16.47 18.57 -2.87
N LEU D 23 -16.41 17.58 -2.00
CA LEU D 23 -15.30 16.63 -2.03
C LEU D 23 -15.27 15.86 -3.35
N ARG D 24 -16.43 15.45 -3.83
CA ARG D 24 -16.49 14.74 -5.10
C ARG D 24 -15.97 15.60 -6.24
N GLN D 25 -16.35 16.88 -6.26
CA GLN D 25 -15.88 17.73 -7.34
C GLN D 25 -14.38 17.99 -7.23
N GLN D 26 -13.85 18.11 -6.02
CA GLN D 26 -12.40 18.26 -5.88
C GLN D 26 -11.67 17.03 -6.40
N LEU D 27 -12.19 15.84 -6.10
CA LEU D 27 -11.57 14.62 -6.60
C LEU D 27 -11.63 14.55 -8.12
N TRP D 28 -12.78 14.90 -8.71
CA TRP D 28 -12.91 14.90 -10.16
C TRP D 28 -11.94 15.87 -10.80
N LEU D 29 -11.81 17.07 -10.25
CA LEU D 29 -10.90 18.05 -10.81
C LEU D 29 -9.45 17.60 -10.69
N ALA D 30 -9.09 16.97 -9.57
CA ALA D 30 -7.73 16.45 -9.45
C ALA D 30 -7.45 15.38 -10.48
N HIS D 31 -8.42 14.48 -10.70
CA HIS D 31 -8.23 13.45 -11.72
C HIS D 31 -8.04 14.07 -13.09
N ASN D 32 -8.86 15.05 -13.44
CA ASN D 32 -8.70 15.70 -14.74
C ASN D 32 -7.35 16.38 -14.87
N LEU D 33 -6.88 17.01 -13.80
CA LEU D 33 -5.58 17.66 -13.86
C LEU D 33 -4.47 16.66 -14.10
N ARG D 34 -4.52 15.51 -13.42
CA ARG D 34 -3.49 14.50 -13.64
C ARG D 34 -3.53 13.99 -15.06
N GLU D 35 -4.73 13.77 -15.61
CA GLU D 35 -4.83 13.31 -16.99
C GLU D 35 -4.25 14.34 -17.96
N ASP D 36 -4.54 15.62 -17.74
CA ASP D 36 -4.01 16.65 -18.63
C ASP D 36 -2.49 16.74 -18.53
N LEU D 37 -1.95 16.60 -17.33
CA LEU D 37 -0.50 16.59 -17.18
C LEU D 37 0.11 15.39 -17.89
N VAL D 38 -0.56 14.24 -17.82
CA VAL D 38 -0.06 13.05 -18.51
C VAL D 38 -0.04 13.27 -20.02
N SER D 39 -1.12 13.82 -20.56
CA SER D 39 -1.16 14.06 -22.00
C SER D 39 -0.10 15.08 -22.42
N LEU D 40 0.10 16.13 -21.61
CA LEU D 40 1.13 17.11 -21.93
C LEU D 40 2.51 16.48 -21.90
N GLN D 41 2.79 15.64 -20.90
CA GLN D 41 4.09 14.99 -20.83
C GLN D 41 4.30 14.05 -22.01
N LEU D 42 3.26 13.32 -22.41
CA LEU D 42 3.39 12.43 -23.55
C LEU D 42 3.67 13.22 -24.84
N ALA D 43 2.97 14.33 -25.03
CA ALA D 43 3.25 15.16 -26.19
C ALA D 43 4.68 15.67 -26.15
N TYR D 44 5.16 16.05 -24.96
CA TYR D 44 6.53 16.53 -24.83
C TYR D 44 7.53 15.43 -25.18
N ASP D 45 7.27 14.20 -24.72
CA ASP D 45 8.16 13.08 -25.02
C ASP D 45 8.21 12.81 -26.51
N ASP D 46 7.04 12.81 -27.16
CA ASP D 46 7.01 12.56 -28.60
C ASP D 46 7.71 13.69 -29.35
N ASP D 47 7.56 14.93 -28.91
CA ASP D 47 8.23 16.04 -29.58
C ASP D 47 9.74 15.94 -29.40
N LEU D 48 10.21 15.53 -28.22
CA LEU D 48 11.64 15.32 -28.03
C LEU D 48 12.15 14.20 -28.93
N LYS D 49 11.36 13.12 -29.06
CA LYS D 49 11.74 12.05 -29.99
C LYS D 49 11.85 12.58 -31.41
N ALA D 50 10.89 13.41 -31.83
CA ALA D 50 10.92 13.99 -33.16
C ALA D 50 12.15 14.87 -33.35
N ILE D 51 12.49 15.67 -32.33
CA ILE D 51 13.68 16.51 -32.42
C ILE D 51 14.93 15.66 -32.57
N TRP D 52 15.05 14.61 -31.76
CA TRP D 52 16.20 13.72 -31.87
C TRP D 52 16.23 13.03 -33.22
N SER D 53 15.07 12.81 -33.84
CA SER D 53 15.00 12.19 -35.15
C SER D 53 15.59 13.06 -36.25
N SER D 54 15.85 14.34 -35.96
CA SER D 54 16.47 15.23 -36.94
C SER D 54 17.93 14.87 -37.14
N ASP D 123 23.97 19.56 -29.05
CA ASP D 123 23.65 20.36 -30.23
C ASP D 123 22.20 20.83 -30.20
N ALA D 124 21.29 19.91 -29.88
CA ALA D 124 19.86 20.20 -29.82
C ALA D 124 19.41 20.54 -28.41
N ALA D 125 20.34 20.77 -27.48
CA ALA D 125 19.97 21.09 -26.11
C ALA D 125 19.15 22.38 -26.06
N GLU D 126 19.53 23.37 -26.87
CA GLU D 126 18.74 24.59 -26.95
C GLU D 126 17.33 24.30 -27.43
N ARG D 127 17.20 23.43 -28.44
CA ARG D 127 15.89 23.00 -28.88
C ARG D 127 15.15 22.29 -27.76
N ARG D 128 15.84 21.38 -27.06
CA ARG D 128 15.23 20.70 -25.93
C ARG D 128 14.88 21.69 -24.82
N LYS D 129 15.77 22.63 -24.55
CA LYS D 129 15.48 23.63 -23.52
C LYS D 129 14.26 24.46 -23.89
N ALA D 130 14.15 24.88 -25.15
CA ALA D 130 13.02 25.69 -25.57
C ALA D 130 11.72 24.91 -25.46
N ARG D 131 11.73 23.65 -25.88
CA ARG D 131 10.52 22.84 -25.78
C ARG D 131 10.15 22.57 -24.33
N SER D 132 11.14 22.41 -23.45
CA SER D 132 10.85 22.19 -22.04
C SER D 132 10.18 23.41 -21.43
N ASP D 133 10.62 24.61 -21.80
CA ASP D 133 10.02 25.82 -21.25
C ASP D 133 8.55 25.94 -21.64
N GLN D 134 8.21 25.58 -22.88
CA GLN D 134 6.81 25.60 -23.27
C GLN D 134 5.97 24.64 -22.43
N LEU D 135 6.56 23.51 -22.03
CA LEU D 135 5.86 22.63 -21.09
C LEU D 135 5.65 23.32 -19.76
N ALA D 136 6.64 24.09 -19.30
CA ALA D 136 6.49 24.81 -18.05
C ALA D 136 5.34 25.81 -18.12
N ALA D 137 5.21 26.52 -19.24
CA ALA D 137 4.14 27.50 -19.38
C ALA D 137 2.78 26.82 -19.34
N ASP D 138 2.63 25.69 -20.03
CA ASP D 138 1.35 24.98 -19.99
C ASP D 138 1.04 24.48 -18.58
N GLN D 139 2.07 24.09 -17.83
CA GLN D 139 1.84 23.72 -16.44
C GLN D 139 1.33 24.90 -15.63
N LYS D 140 1.89 26.09 -15.88
CA LYS D 140 1.39 27.29 -15.21
C LYS D 140 -0.01 27.64 -15.69
N ALA D 141 -0.26 27.51 -16.99
CA ALA D 141 -1.60 27.78 -17.51
C ALA D 141 -2.64 26.81 -16.98
N LEU D 142 -2.22 25.62 -16.57
CA LEU D 142 -3.12 24.71 -15.87
C LEU D 142 -3.48 25.26 -14.49
N TYR D 143 -2.52 25.89 -13.81
CA TYR D 143 -2.82 26.53 -12.54
C TYR D 143 -3.83 27.65 -12.72
N GLY D 144 -3.74 28.38 -13.83
CA GLY D 144 -4.73 29.40 -14.12
C GLY D 144 -6.10 28.81 -14.39
N GLN D 145 -6.15 27.70 -15.11
CA GLN D 145 -7.43 27.12 -15.48
C GLN D 145 -8.10 26.44 -14.30
N TYR D 146 -7.33 25.75 -13.47
CA TYR D 146 -7.92 24.92 -12.42
C TYR D 146 -8.01 25.63 -11.08
N CYS D 147 -7.09 26.52 -10.77
CA CYS D 147 -7.04 27.15 -9.45
C CYS D 147 -7.46 28.61 -9.47
N ARG D 148 -6.88 29.41 -10.35
CA ARG D 148 -7.22 30.83 -10.39
C ARG D 148 -8.68 31.03 -10.77
N ASP D 149 -9.16 30.28 -11.76
CA ASP D 149 -10.52 30.44 -12.25
C ASP D 149 -11.34 29.17 -12.05
N GLY D 150 -11.01 28.36 -11.07
CA GLY D 150 -11.72 27.11 -10.85
C GLY D 150 -12.06 26.84 -9.40
N ASP D 151 -12.49 25.62 -9.11
CA ASP D 151 -12.86 25.21 -7.77
C ASP D 151 -11.79 24.37 -7.10
N LEU D 152 -10.61 24.25 -7.68
CA LEU D 152 -9.56 23.44 -7.11
C LEU D 152 -8.80 24.20 -6.04
N TYR D 153 -8.43 23.49 -4.98
CA TYR D 153 -7.60 24.06 -3.94
C TYR D 153 -6.15 24.12 -4.37
N TRP D 154 -5.44 25.18 -3.98
CA TRP D 154 -4.06 25.30 -4.40
C TRP D 154 -3.17 24.24 -3.76
N ALA D 155 -3.61 23.63 -2.66
CA ALA D 155 -2.82 22.56 -2.06
C ALA D 155 -2.92 21.28 -2.87
N SER D 156 -4.13 20.95 -3.35
CA SER D 156 -4.29 19.76 -4.18
C SER D 156 -3.51 19.89 -5.48
N PHE D 157 -3.55 21.06 -6.11
CA PHE D 157 -2.81 21.26 -7.35
C PHE D 157 -1.32 21.09 -7.13
N ASN D 158 -0.80 21.66 -6.04
CA ASN D 158 0.61 21.50 -5.75
C ASN D 158 0.96 20.04 -5.51
N THR D 159 0.09 19.33 -4.80
CA THR D 159 0.35 17.90 -4.55
C THR D 159 0.42 17.13 -5.85
N VAL D 160 -0.55 17.34 -6.75
CA VAL D 160 -0.58 16.57 -7.99
C VAL D 160 0.58 16.94 -8.89
N LEU D 161 0.94 18.23 -8.93
CA LEU D 161 2.07 18.64 -9.73
C LEU D 161 3.39 18.05 -9.22
N ASP D 162 3.55 18.01 -7.89
CA ASP D 162 4.75 17.39 -7.33
C ASP D 162 4.80 15.91 -7.65
N HIS D 163 3.67 15.21 -7.53
CA HIS D 163 3.65 13.80 -7.85
C HIS D 163 4.02 13.56 -9.31
N HIS D 164 3.47 14.37 -10.22
CA HIS D 164 3.78 14.20 -11.62
C HIS D 164 5.25 14.49 -11.91
N LYS D 165 5.80 15.55 -11.31
CA LYS D 165 7.21 15.85 -11.53
C LYS D 165 8.10 14.73 -11.04
N THR D 166 7.81 14.18 -9.85
CA THR D 166 8.58 13.05 -9.36
C THR D 166 8.45 11.85 -10.29
N ALA D 167 7.26 11.61 -10.82
CA ALA D 167 7.06 10.47 -11.70
C ALA D 167 7.88 10.60 -12.97
N VAL D 168 7.88 11.79 -13.58
CA VAL D 168 8.65 11.95 -14.82
C VAL D 168 10.16 11.92 -14.53
N LYS D 169 10.58 12.42 -13.37
CA LYS D 169 11.99 12.30 -13.01
C LYS D 169 12.40 10.84 -12.85
N ARG D 170 11.55 10.04 -12.21
CA ARG D 170 11.86 8.62 -12.07
C ARG D 170 11.88 7.92 -13.42
N ILE D 171 10.97 8.30 -14.32
CA ILE D 171 10.96 7.71 -15.65
C ILE D 171 12.23 8.04 -16.39
N ALA D 172 12.69 9.29 -16.30
CA ALA D 172 13.95 9.66 -16.95
C ALA D 172 15.11 8.88 -16.36
N ALA D 173 15.13 8.71 -15.04
CA ALA D 173 16.20 7.91 -14.42
C ALA D 173 16.17 6.47 -14.91
N GLN D 174 14.98 5.89 -15.03
CA GLN D 174 14.87 4.52 -15.52
C GLN D 174 15.36 4.41 -16.96
N ARG D 175 14.97 5.37 -17.80
CA ARG D 175 15.42 5.35 -19.19
C ARG D 175 16.93 5.52 -19.30
N ALA D 176 17.53 6.27 -18.37
CA ALA D 176 18.97 6.45 -18.40
C ALA D 176 19.70 5.12 -18.25
N SER D 177 19.22 4.27 -17.35
CA SER D 177 19.82 2.94 -17.20
C SER D 177 19.63 2.11 -18.47
N GLY D 178 18.44 2.19 -19.08
CA GLY D 178 18.16 1.43 -20.28
C GLY D 178 16.89 0.61 -20.16
N LYS D 179 16.19 0.75 -19.04
CA LYS D 179 14.94 0.04 -18.83
C LYS D 179 13.78 0.89 -19.29
N PRO D 180 13.02 0.45 -20.28
CA PRO D 180 11.96 1.30 -20.83
C PRO D 180 10.80 1.49 -19.87
N ALA D 181 10.17 2.66 -19.98
CA ALA D 181 9.00 2.99 -19.17
C ALA D 181 8.23 4.10 -19.86
N THR D 182 6.96 4.22 -19.50
CA THR D 182 6.11 5.28 -20.04
C THR D 182 4.95 5.53 -19.10
N LEU D 183 4.37 6.72 -19.23
CA LEU D 183 3.22 7.11 -18.44
C LEU D 183 1.96 6.43 -18.98
N ARG D 184 1.06 6.09 -18.06
CA ARG D 184 -0.16 5.38 -18.42
C ARG D 184 -1.36 6.18 -17.93
N HIS D 185 -2.32 6.39 -18.82
CA HIS D 185 -3.56 7.04 -18.42
C HIS D 185 -4.30 6.19 -17.38
N HIS D 186 -5.37 6.75 -16.85
CA HIS D 186 -6.21 6.04 -15.89
C HIS D 186 -7.65 6.46 -16.12
N ARG D 187 -8.57 5.84 -15.38
CA ARG D 187 -9.99 6.13 -15.51
C ARG D 187 -10.54 6.44 -14.12
N PHE D 188 -11.38 7.46 -14.05
CA PHE D 188 -11.93 7.89 -12.76
C PHE D 188 -12.98 6.90 -12.28
N ASP D 189 -12.88 6.52 -11.01
CA ASP D 189 -13.86 5.65 -10.37
C ASP D 189 -14.47 6.24 -9.10
N GLY D 190 -13.97 7.37 -8.63
CA GLY D 190 -14.40 7.96 -7.37
C GLY D 190 -13.31 8.05 -6.32
N SER D 191 -12.28 7.21 -6.39
CA SER D 191 -11.16 7.29 -5.47
C SER D 191 -10.24 8.43 -5.86
N GLY D 192 -9.61 9.03 -4.86
CA GLY D 192 -8.74 10.16 -5.12
C GLY D 192 -8.15 10.70 -3.84
N THR D 193 -7.55 11.89 -3.95
CA THR D 193 -6.85 12.50 -2.85
C THR D 193 -7.03 14.01 -2.89
N ILE D 194 -7.28 14.60 -1.74
CA ILE D 194 -7.22 16.06 -1.58
C ILE D 194 -6.20 16.34 -0.49
N ALA D 195 -5.63 17.54 -0.53
CA ALA D 195 -4.51 17.86 0.34
C ALA D 195 -4.71 19.21 0.99
N VAL D 196 -3.92 19.45 2.03
CA VAL D 196 -3.86 20.72 2.73
C VAL D 196 -2.44 20.89 3.24
N GLN D 197 -1.84 22.05 2.99
CA GLN D 197 -0.48 22.35 3.42
C GLN D 197 -0.53 23.47 4.45
N LEU D 198 0.20 23.27 5.54
CA LEU D 198 0.23 24.22 6.65
C LEU D 198 1.46 25.09 6.51
N GLN D 199 1.29 26.27 5.92
CA GLN D 199 2.44 27.12 5.63
C GLN D 199 3.04 27.70 6.90
N ARG D 200 4.35 27.55 7.04
CA ARG D 200 5.10 28.10 8.16
C ARG D 200 6.25 28.93 7.60
N GLN D 201 6.08 30.24 7.59
CA GLN D 201 7.12 31.13 7.13
C GLN D 201 8.26 31.18 8.14
N ALA D 202 9.36 31.81 7.74
CA ALA D 202 10.50 31.96 8.63
C ALA D 202 10.13 32.83 9.81
N GLY D 203 10.65 32.48 10.99
CA GLY D 203 10.29 33.20 12.19
C GLY D 203 8.85 33.04 12.60
N ALA D 204 8.33 31.82 12.57
CA ALA D 204 6.99 31.54 13.02
C ALA D 204 7.02 30.41 14.05
N PRO D 205 6.07 30.40 14.99
CA PRO D 205 6.06 29.33 15.99
C PRO D 205 5.74 28.00 15.34
N PRO D 206 6.18 26.89 15.93
CA PRO D 206 5.93 25.58 15.33
C PRO D 206 4.44 25.28 15.26
N ARG D 207 4.09 24.40 14.33
CA ARG D 207 2.69 23.98 14.15
C ARG D 207 2.38 22.76 15.01
N THR D 208 2.61 22.92 16.31
CA THR D 208 2.40 21.84 17.25
C THR D 208 0.93 21.45 17.29
N PRO D 209 0.62 20.22 17.73
CA PRO D 209 -0.79 19.82 17.82
C PRO D 209 -1.62 20.70 18.73
N MET D 210 -1.03 21.31 19.76
CA MET D 210 -1.77 22.28 20.54
C MET D 210 -2.15 23.50 19.71
N VAL D 211 -1.32 23.86 18.72
CA VAL D 211 -1.64 24.98 17.86
C VAL D 211 -2.80 24.63 16.93
N LEU D 212 -2.84 23.38 16.44
CA LEU D 212 -3.93 23.00 15.55
C LEU D 212 -5.23 22.78 16.31
N ALA D 213 -5.16 22.42 17.59
CA ALA D 213 -6.36 22.17 18.36
C ALA D 213 -7.07 23.45 18.78
N ASP D 214 -6.44 24.61 18.64
CA ASP D 214 -7.02 25.85 19.09
C ASP D 214 -8.02 26.39 18.07
N GLU D 215 -9.15 26.89 18.57
CA GLU D 215 -10.21 27.37 17.70
C GLU D 215 -9.84 28.68 17.01
N ALA D 216 -9.10 29.55 17.71
CA ALA D 216 -8.66 30.82 17.15
C ALA D 216 -7.19 30.79 16.77
N GLY D 217 -6.67 29.60 16.49
CA GLY D 217 -5.28 29.45 16.12
C GLY D 217 -5.02 29.95 14.71
N LYS D 218 -3.75 29.86 14.32
CA LYS D 218 -3.36 30.39 13.01
C LYS D 218 -4.00 29.60 11.88
N TYR D 219 -4.16 28.29 12.04
CA TYR D 219 -4.63 27.42 10.98
C TYR D 219 -6.07 26.97 11.20
N ARG D 220 -6.89 27.86 11.77
CA ARG D 220 -8.26 27.48 12.11
C ARG D 220 -9.10 27.23 10.86
N ASN D 221 -8.85 27.96 9.78
CA ASN D 221 -9.60 27.79 8.56
C ASN D 221 -8.95 26.83 7.58
N VAL D 222 -7.75 26.36 7.89
CA VAL D 222 -7.04 25.40 7.05
C VAL D 222 -7.18 23.99 7.59
N LEU D 223 -6.93 23.79 8.88
CA LEU D 223 -7.07 22.47 9.49
C LEU D 223 -7.22 22.62 10.99
N HIS D 224 -8.24 22.00 11.54
CA HIS D 224 -8.61 22.16 12.95
C HIS D 224 -8.86 20.78 13.56
N ILE D 225 -7.97 20.34 14.45
CA ILE D 225 -8.07 19.01 15.04
C ILE D 225 -8.26 19.16 16.55
N PRO D 226 -9.49 19.25 17.03
CA PRO D 226 -9.71 19.55 18.45
C PRO D 226 -9.47 18.34 19.34
N GLY D 227 -9.42 18.63 20.64
CA GLY D 227 -9.30 17.59 21.63
C GLY D 227 -8.01 16.81 21.62
N TRP D 228 -6.87 17.48 21.51
CA TRP D 228 -5.59 16.80 21.60
C TRP D 228 -5.25 16.52 23.05
N THR D 229 -5.00 15.26 23.38
CA THR D 229 -4.66 14.85 24.73
C THR D 229 -3.24 14.30 24.75
N ASP D 230 -2.47 14.71 25.75
CA ASP D 230 -1.04 14.46 25.73
C ASP D 230 -0.76 12.97 25.68
N PRO D 231 0.19 12.53 24.85
CA PRO D 231 0.45 11.09 24.75
C PRO D 231 0.80 10.44 26.08
N ASP D 232 1.51 11.15 26.95
CA ASP D 232 1.78 10.60 28.28
C ASP D 232 0.49 10.34 29.03
N VAL D 233 -0.44 11.30 29.00
CA VAL D 233 -1.75 11.08 29.61
C VAL D 233 -2.58 10.14 28.74
N TRP D 234 -2.40 10.20 27.43
CA TRP D 234 -3.22 9.37 26.54
C TRP D 234 -3.01 7.89 26.81
N GLU D 235 -1.77 7.48 27.05
CA GLU D 235 -1.52 6.07 27.26
C GLU D 235 -2.05 5.57 28.60
N GLN D 236 -2.25 6.46 29.58
CA GLN D 236 -2.75 6.04 30.88
C GLN D 236 -4.24 5.73 30.84
N MET D 237 -4.98 6.36 29.94
CA MET D 237 -6.42 6.13 29.87
C MET D 237 -6.71 4.73 29.36
N THR D 238 -7.84 4.16 29.82
CA THR D 238 -8.25 2.86 29.34
C THR D 238 -8.66 2.95 27.87
N ARG D 239 -8.67 1.79 27.22
CA ARG D 239 -9.05 1.77 25.81
C ARG D 239 -10.44 2.34 25.58
N SER D 240 -11.34 2.14 26.54
CA SER D 240 -12.68 2.71 26.43
C SER D 240 -12.63 4.22 26.34
N GLN D 241 -11.93 4.86 27.28
CA GLN D 241 -11.83 6.32 27.27
C GLN D 241 -11.08 6.80 26.04
N CYS D 242 -10.02 6.10 25.66
CA CYS D 242 -9.24 6.52 24.50
C CYS D 242 -10.07 6.45 23.22
N ARG D 243 -10.93 5.43 23.11
CA ARG D 243 -11.71 5.30 21.88
C ARG D 243 -12.93 6.21 21.87
N GLN D 244 -13.54 6.46 23.02
CA GLN D 244 -14.69 7.36 23.02
C GLN D 244 -14.27 8.82 22.91
N SER D 245 -13.16 9.20 23.53
CA SER D 245 -12.67 10.56 23.41
C SER D 245 -11.99 10.82 22.08
N GLY D 246 -11.53 9.78 21.39
CA GLY D 246 -10.92 9.97 20.09
C GLY D 246 -11.90 10.26 18.98
N ARG D 247 -13.19 10.09 19.24
CA ARG D 247 -14.22 10.40 18.25
C ARG D 247 -14.40 11.91 18.23
N VAL D 248 -13.78 12.58 17.26
CA VAL D 248 -13.86 14.02 17.15
C VAL D 248 -14.28 14.39 15.73
N THR D 249 -14.33 15.69 15.48
CA THR D 249 -14.67 16.23 14.16
C THR D 249 -13.57 17.19 13.74
N VAL D 250 -13.08 17.01 12.51
CA VAL D 250 -12.00 17.82 11.97
C VAL D 250 -12.56 18.67 10.84
N ARG D 251 -12.43 19.98 10.95
CA ARG D 251 -12.87 20.88 9.90
C ARG D 251 -11.69 21.12 8.96
N MET D 252 -11.83 20.66 7.72
CA MET D 252 -10.76 20.71 6.75
C MET D 252 -11.16 21.59 5.59
N ARG D 253 -10.23 22.43 5.15
CA ARG D 253 -10.46 23.25 3.97
C ARG D 253 -10.58 22.37 2.73
N CYS D 254 -11.60 22.62 1.93
CA CYS D 254 -11.90 21.77 0.79
C CYS D 254 -11.96 22.58 -0.50
N GLY D 255 -11.04 23.53 -0.65
CA GLY D 255 -11.00 24.27 -1.87
C GLY D 255 -12.14 25.27 -1.98
N SER D 256 -12.35 25.75 -3.20
CA SER D 256 -13.35 26.76 -3.50
C SER D 256 -14.52 26.14 -4.24
N THR D 257 -15.58 26.93 -4.39
CA THR D 257 -16.77 26.51 -5.14
C THR D 257 -17.44 27.77 -5.65
N ASP D 258 -17.26 28.06 -6.94
CA ASP D 258 -17.76 29.30 -7.55
C ASP D 258 -17.24 30.52 -6.81
N GLY D 259 -15.99 30.48 -6.36
CA GLY D 259 -15.45 31.53 -5.53
C GLY D 259 -15.86 31.47 -4.08
N GLN D 260 -16.64 30.47 -3.69
CA GLN D 260 -17.10 30.36 -2.32
C GLN D 260 -16.29 29.25 -1.63
N PRO D 261 -15.36 29.59 -0.74
CA PRO D 261 -14.56 28.55 -0.09
C PRO D 261 -15.45 27.59 0.68
N GLN D 262 -15.08 26.32 0.67
CA GLN D 262 -15.87 25.29 1.32
C GLN D 262 -15.00 24.46 2.26
N TRP D 263 -15.57 24.13 3.42
CA TRP D 263 -14.90 23.30 4.41
C TRP D 263 -15.80 22.09 4.68
N ILE D 264 -15.18 21.00 5.12
CA ILE D 264 -15.92 19.79 5.44
C ILE D 264 -15.59 19.37 6.86
N ASP D 265 -16.61 18.91 7.58
CA ASP D 265 -16.45 18.38 8.94
C ASP D 265 -16.37 16.87 8.83
N LEU D 266 -15.15 16.34 8.89
CA LEU D 266 -14.96 14.90 8.89
C LEU D 266 -15.15 14.36 10.30
N PRO D 267 -16.12 13.48 10.54
CA PRO D 267 -16.21 12.80 11.83
C PRO D 267 -15.25 11.64 11.88
N VAL D 268 -14.16 11.81 12.63
CA VAL D 268 -13.07 10.84 12.61
C VAL D 268 -12.91 10.21 13.98
N GLN D 269 -12.27 9.04 13.98
CA GLN D 269 -11.92 8.32 15.20
C GLN D 269 -10.40 8.23 15.27
N VAL D 270 -9.82 8.78 16.33
CA VAL D 270 -8.37 8.87 16.50
C VAL D 270 -7.95 7.95 17.62
N HIS D 271 -6.90 7.16 17.37
CA HIS D 271 -6.36 6.25 18.35
C HIS D 271 -5.10 6.78 19.02
N ARG D 272 -4.21 7.42 18.27
CA ARG D 272 -2.98 7.94 18.82
C ARG D 272 -2.84 9.41 18.47
N TRP D 273 -2.15 10.15 19.31
CA TRP D 273 -1.87 11.56 19.12
C TRP D 273 -0.38 11.75 18.85
N LEU D 274 0.02 13.01 18.78
CA LEU D 274 1.38 13.38 18.39
C LEU D 274 2.15 13.94 19.57
N PRO D 275 3.47 13.93 19.52
CA PRO D 275 4.26 14.58 20.56
C PRO D 275 3.97 16.07 20.59
N ALA D 276 4.03 16.64 21.79
CA ALA D 276 3.74 18.05 21.94
C ALA D 276 4.72 18.93 21.19
N ASP D 277 5.89 18.41 20.84
CA ASP D 277 6.91 19.18 20.15
C ASP D 277 6.94 18.89 18.66
N ALA D 278 5.89 18.30 18.11
CA ALA D 278 5.86 17.96 16.70
C ALA D 278 5.76 19.22 15.85
N ASP D 279 5.56 19.02 14.55
CA ASP D 279 5.37 20.11 13.60
C ASP D 279 4.57 19.58 12.43
N ILE D 280 3.29 19.92 12.37
CA ILE D 280 2.41 19.39 11.34
C ILE D 280 2.75 20.07 10.01
N THR D 281 3.38 19.34 9.11
CA THR D 281 3.71 19.89 7.80
C THR D 281 2.50 19.96 6.91
N GLY D 282 1.59 19.00 7.03
CA GLY D 282 0.40 19.02 6.20
C GLY D 282 -0.48 17.83 6.48
N ALA D 283 -1.54 17.71 5.70
CA ALA D 283 -2.48 16.62 5.84
C ALA D 283 -3.13 16.34 4.50
N GLU D 284 -3.71 15.16 4.37
CA GLU D 284 -4.37 14.80 3.13
C GLU D 284 -5.49 13.80 3.41
N LEU D 285 -6.59 13.98 2.70
CA LEU D 285 -7.74 13.08 2.80
C LEU D 285 -7.73 12.17 1.58
N VAL D 286 -7.75 10.86 1.81
CA VAL D 286 -7.67 9.85 0.77
C VAL D 286 -8.97 9.06 0.75
N VAL D 287 -9.59 8.99 -0.42
CA VAL D 287 -10.85 8.27 -0.61
C VAL D 287 -10.59 7.09 -1.54
N THR D 288 -11.01 5.90 -1.12
CA THR D 288 -10.83 4.69 -1.92
C THR D 288 -12.12 3.90 -1.93
N ARG D 289 -12.42 3.28 -3.06
CA ARG D 289 -13.60 2.44 -3.23
C ARG D 289 -13.18 0.99 -3.09
N VAL D 290 -13.74 0.31 -2.10
CA VAL D 290 -13.48 -1.11 -1.88
C VAL D 290 -14.84 -1.80 -1.95
N ALA D 291 -15.01 -2.67 -2.96
CA ALA D 291 -16.24 -3.40 -3.20
C ALA D 291 -17.43 -2.49 -3.47
N GLY D 292 -17.21 -1.31 -4.03
CA GLY D 292 -18.30 -0.39 -4.33
C GLY D 292 -18.68 0.55 -3.21
N ILE D 293 -18.03 0.44 -2.05
CA ILE D 293 -18.32 1.29 -0.90
C ILE D 293 -17.13 2.19 -0.66
N TYR D 294 -17.38 3.49 -0.51
CA TYR D 294 -16.31 4.46 -0.34
C TYR D 294 -15.73 4.40 1.06
N ARG D 295 -14.42 4.60 1.15
CA ARG D 295 -13.71 4.69 2.42
C ARG D 295 -12.81 5.91 2.39
N ALA D 296 -12.82 6.67 3.48
CA ALA D 296 -12.02 7.88 3.57
C ALA D 296 -11.12 7.79 4.79
N LYS D 297 -9.89 8.28 4.63
CA LYS D 297 -8.92 8.24 5.71
C LYS D 297 -8.09 9.52 5.66
N LEU D 298 -7.88 10.12 6.82
CA LEU D 298 -7.15 11.38 6.91
C LEU D 298 -5.76 11.10 7.45
N CYS D 299 -4.74 11.47 6.68
CA CYS D 299 -3.35 11.24 7.06
C CYS D 299 -2.68 12.57 7.35
N VAL D 300 -2.09 12.69 8.54
CA VAL D 300 -1.46 13.93 9.00
C VAL D 300 0.03 13.67 9.12
N THR D 301 0.84 14.49 8.47
CA THR D 301 2.28 14.32 8.42
C THR D 301 2.95 15.30 9.38
N ALA D 302 3.86 14.79 10.20
CA ALA D 302 4.52 15.63 11.19
C ALA D 302 6.02 15.32 11.21
N ARG D 303 6.79 16.29 11.69
CA ARG D 303 8.24 16.18 11.73
C ARG D 303 8.69 15.92 13.17
N ILE D 304 8.68 14.63 13.53
CA ILE D 304 9.15 14.22 14.85
C ILE D 304 10.67 14.32 14.92
N GLY D 305 11.17 14.72 16.08
CA GLY D 305 12.60 14.74 16.32
C GLY D 305 13.19 13.33 16.34
N ASP D 306 14.47 13.25 16.00
CA ASP D 306 15.14 11.97 15.84
C ASP D 306 15.36 11.29 17.19
N THR D 307 15.67 10.00 17.13
CA THR D 307 15.91 9.17 18.30
C THR D 307 17.38 8.78 18.37
N GLU D 308 17.91 8.74 19.58
CA GLU D 308 19.31 8.35 19.76
C GLU D 308 19.49 6.89 19.38
N PRO D 309 20.45 6.58 18.51
CA PRO D 309 20.65 5.19 18.10
C PRO D 309 21.09 4.32 19.27
N VAL D 310 20.64 3.06 19.26
CA VAL D 310 21.05 2.14 20.31
C VAL D 310 22.50 1.75 20.10
N THR D 311 23.12 1.25 21.17
CA THR D 311 24.51 0.82 21.11
C THR D 311 24.70 -0.57 21.68
N SER D 312 23.87 -0.94 22.65
CA SER D 312 23.97 -2.22 23.34
C SER D 312 22.76 -3.09 23.02
N GLY D 313 23.01 -4.36 22.74
CA GLY D 313 21.95 -5.29 22.45
C GLY D 313 22.44 -6.50 21.67
N PRO D 314 21.70 -7.61 21.77
CA PRO D 314 22.09 -8.82 21.05
C PRO D 314 22.08 -8.59 19.54
N THR D 315 22.97 -9.31 18.86
CA THR D 315 23.02 -9.28 17.40
C THR D 315 22.08 -10.34 16.85
N VAL D 316 21.21 -9.94 15.94
CA VAL D 316 20.23 -10.83 15.33
C VAL D 316 20.44 -10.82 13.82
N ALA D 317 20.58 -12.00 13.24
CA ALA D 317 20.66 -12.17 11.80
C ALA D 317 19.37 -12.81 11.32
N LEU D 318 18.76 -12.22 10.31
CA LEU D 318 17.51 -12.71 9.74
C LEU D 318 17.76 -13.15 8.31
N HIS D 319 17.19 -14.29 7.95
CA HIS D 319 17.34 -14.86 6.62
C HIS D 319 15.98 -15.32 6.13
N LEU D 320 15.72 -15.13 4.84
CA LEU D 320 14.43 -15.46 4.26
C LEU D 320 14.39 -16.92 3.83
N GLY D 321 13.18 -17.49 3.85
CA GLY D 321 12.97 -18.83 3.36
C GLY D 321 11.55 -19.00 2.88
N TRP D 322 11.31 -20.11 2.18
CA TRP D 322 9.94 -20.40 1.75
C TRP D 322 9.59 -21.88 1.82
N ARG D 323 10.31 -22.69 2.60
CA ARG D 323 10.00 -24.11 2.68
C ARG D 323 8.58 -24.31 3.19
N SER D 324 7.82 -25.15 2.49
CA SER D 324 6.47 -25.47 2.92
C SER D 324 6.49 -26.40 4.12
N THR D 325 5.60 -26.15 5.08
CA THR D 325 5.57 -26.88 6.32
C THR D 325 4.14 -27.30 6.63
N GLU D 326 4.01 -28.33 7.47
CA GLU D 326 2.68 -28.80 7.86
C GLU D 326 1.94 -27.76 8.67
N GLU D 327 2.65 -26.90 9.40
CA GLU D 327 2.06 -25.86 10.21
C GLU D 327 2.11 -24.49 9.53
N GLY D 328 1.93 -24.45 8.23
CA GLY D 328 1.88 -23.21 7.48
C GLY D 328 3.11 -23.03 6.60
N THR D 329 3.25 -21.81 6.09
CA THR D 329 4.37 -21.47 5.23
C THR D 329 5.50 -20.89 6.08
N ALA D 330 6.54 -21.67 6.29
CA ALA D 330 7.72 -21.17 6.99
C ALA D 330 8.37 -20.10 6.13
N VAL D 331 8.69 -18.96 6.74
CA VAL D 331 9.10 -17.79 5.97
C VAL D 331 10.46 -17.25 6.37
N ALA D 332 10.92 -17.46 7.61
CA ALA D 332 12.17 -16.83 7.99
C ALA D 332 12.91 -17.66 9.03
N THR D 333 14.22 -17.43 9.10
CA THR D 333 15.09 -18.07 10.08
C THR D 333 15.94 -16.98 10.72
N TRP D 334 15.90 -16.89 12.04
CA TRP D 334 16.65 -15.88 12.74
C TRP D 334 17.58 -16.53 13.74
N ARG D 335 18.78 -15.96 13.87
CA ARG D 335 19.76 -16.41 14.85
C ARG D 335 20.28 -15.22 15.64
N SER D 336 20.23 -15.32 16.96
CA SER D 336 20.65 -14.24 17.84
C SER D 336 21.91 -14.64 18.59
N ASP D 337 22.77 -13.66 18.83
CA ASP D 337 23.98 -13.91 19.60
C ASP D 337 23.72 -13.96 21.10
N ALA D 338 22.52 -13.58 21.53
CA ALA D 338 22.14 -13.61 22.93
C ALA D 338 20.66 -13.94 23.03
N PRO D 339 20.20 -14.42 24.18
CA PRO D 339 18.79 -14.79 24.31
C PRO D 339 17.86 -13.62 24.04
N LEU D 340 16.75 -13.91 23.37
CA LEU D 340 15.69 -12.95 23.12
C LEU D 340 14.41 -13.40 23.79
N ASP D 341 13.65 -12.46 24.32
CA ASP D 341 12.35 -12.73 24.91
C ASP D 341 11.26 -12.37 23.91
N ILE D 342 10.33 -13.29 23.70
CA ILE D 342 9.30 -13.13 22.68
C ILE D 342 7.95 -13.04 23.38
N PRO D 343 7.03 -12.20 22.90
CA PRO D 343 5.69 -12.18 23.48
C PRO D 343 5.00 -13.53 23.34
N PHE D 344 4.18 -13.87 24.32
CA PHE D 344 3.49 -15.14 24.27
C PHE D 344 2.37 -15.17 23.24
N GLY D 345 2.01 -14.02 22.66
CA GLY D 345 1.10 -13.99 21.55
C GLY D 345 1.72 -14.25 20.20
N LEU D 346 3.04 -14.45 20.16
CA LEU D 346 3.77 -14.70 18.93
C LEU D 346 4.51 -16.03 18.91
N ARG D 347 4.56 -16.75 20.03
CA ARG D 347 5.37 -17.95 20.10
C ARG D 347 4.87 -19.06 19.18
N THR D 348 3.61 -19.00 18.74
CA THR D 348 3.15 -19.91 17.71
C THR D 348 3.54 -19.45 16.31
N VAL D 349 3.96 -18.20 16.17
CA VAL D 349 4.45 -17.67 14.90
C VAL D 349 5.97 -17.57 14.89
N MET D 350 6.54 -16.90 15.88
CA MET D 350 7.98 -16.71 15.98
C MET D 350 8.54 -17.82 16.87
N ARG D 351 8.76 -18.98 16.27
CA ARG D 351 9.27 -20.11 17.03
C ARG D 351 10.68 -19.85 17.53
N VAL D 352 11.01 -20.44 18.67
CA VAL D 352 12.28 -20.20 19.34
C VAL D 352 12.79 -21.54 19.86
N ASP D 353 14.09 -21.78 19.67
CA ASP D 353 14.69 -23.02 20.14
C ASP D 353 14.85 -22.98 21.66
N ALA D 354 15.46 -24.04 22.20
CA ALA D 354 15.58 -24.16 23.65
C ALA D 354 16.45 -23.03 24.22
N ALA D 355 17.59 -22.75 23.59
CA ALA D 355 18.52 -21.78 24.13
C ALA D 355 18.05 -20.34 23.93
N GLY D 356 17.07 -20.11 23.07
CA GLY D 356 16.58 -18.77 22.82
C GLY D 356 17.40 -17.97 21.84
N THR D 357 18.36 -18.60 21.15
CA THR D 357 19.24 -17.87 20.24
C THR D 357 18.86 -18.04 18.77
N SER D 358 18.09 -19.07 18.42
CA SER D 358 17.73 -19.29 17.02
C SER D 358 16.28 -19.74 16.95
N GLY D 359 15.65 -19.49 15.81
CA GLY D 359 14.26 -19.84 15.66
C GLY D 359 13.79 -19.63 14.24
N ILE D 360 12.56 -20.07 13.99
CA ILE D 360 11.92 -20.00 12.69
C ILE D 360 10.65 -19.19 12.82
N ILE D 361 10.41 -18.33 11.84
CA ILE D 361 9.17 -17.57 11.73
C ILE D 361 8.32 -18.22 10.66
N VAL D 362 7.18 -18.75 11.08
CA VAL D 362 6.22 -19.40 10.18
C VAL D 362 4.95 -18.57 10.15
N VAL D 363 4.21 -18.72 9.06
CA VAL D 363 2.95 -18.00 8.87
C VAL D 363 1.83 -19.01 9.02
N PRO D 364 0.71 -18.65 9.65
CA PRO D 364 -0.37 -19.63 9.86
C PRO D 364 -0.98 -20.12 8.54
N ALA D 365 -1.90 -21.08 8.68
CA ALA D 365 -2.58 -21.64 7.52
C ALA D 365 -3.89 -20.93 7.21
N THR D 366 -4.44 -20.16 8.15
CA THR D 366 -5.69 -19.47 7.91
C THR D 366 -5.55 -18.47 6.78
N ILE D 367 -4.37 -17.88 6.62
CA ILE D 367 -4.14 -16.96 5.51
C ILE D 367 -4.41 -17.67 4.17
N GLU D 368 -3.80 -18.84 4.00
CA GLU D 368 -4.00 -19.60 2.77
C GLU D 368 -5.44 -20.03 2.60
N ARG D 369 -6.08 -20.50 3.68
CA ARG D 369 -7.47 -20.95 3.54
C ARG D 369 -8.36 -19.81 3.10
N ARG D 370 -8.18 -18.63 3.67
CA ARG D 370 -9.02 -17.49 3.30
C ARG D 370 -8.76 -17.04 1.87
N LEU D 371 -7.50 -17.02 1.45
CA LEU D 371 -7.22 -16.61 0.07
C LEU D 371 -7.80 -17.61 -0.94
N THR D 372 -7.70 -18.90 -0.63
CA THR D 372 -8.31 -19.91 -1.48
C THR D 372 -9.82 -19.75 -1.54
N ARG D 373 -10.44 -19.44 -0.39
CA ARG D 373 -11.88 -19.22 -0.39
C ARG D 373 -12.27 -18.04 -1.26
N THR D 374 -11.47 -16.97 -1.22
CA THR D 374 -11.73 -15.82 -2.09
C THR D 374 -11.64 -16.21 -3.56
N GLU D 375 -10.65 -17.02 -3.92
CA GLU D 375 -10.55 -17.47 -5.30
C GLU D 375 -11.77 -18.29 -5.71
N ASN D 376 -12.24 -19.17 -4.82
CA ASN D 376 -13.45 -19.93 -5.10
C ASN D 376 -14.64 -19.00 -5.32
N ILE D 377 -14.76 -17.96 -4.49
CA ILE D 377 -15.85 -17.00 -4.65
C ILE D 377 -15.78 -16.32 -6.01
N ALA D 378 -14.58 -15.95 -6.43
CA ALA D 378 -14.43 -15.32 -7.75
C ALA D 378 -14.86 -16.26 -8.87
N SER D 379 -14.50 -17.54 -8.76
CA SER D 379 -14.90 -18.50 -9.77
C SER D 379 -16.42 -18.67 -9.81
N SER D 380 -17.05 -18.75 -8.64
CA SER D 380 -18.51 -18.87 -8.61
C SER D 380 -19.17 -17.63 -9.21
N ARG D 381 -18.59 -16.46 -8.96
CA ARG D 381 -19.10 -15.24 -9.56
C ARG D 381 -19.00 -15.29 -11.08
N SER D 382 -17.89 -15.81 -11.60
CA SER D 382 -17.76 -15.97 -13.05
C SER D 382 -18.85 -16.88 -13.60
N LEU D 383 -19.10 -18.00 -12.90
CA LEU D 383 -20.15 -18.92 -13.34
C LEU D 383 -21.52 -18.27 -13.37
N ALA D 384 -21.86 -17.56 -12.29
CA ALA D 384 -23.16 -16.90 -12.24
C ALA D 384 -23.28 -15.85 -13.33
N LEU D 385 -22.23 -15.09 -13.58
CA LEU D 385 -22.29 -14.06 -14.60
C LEU D 385 -22.46 -14.67 -15.99
N ASP D 386 -21.78 -15.77 -16.28
CA ASP D 386 -21.96 -16.42 -17.57
C ASP D 386 -23.39 -16.93 -17.73
N ALA D 387 -23.95 -17.52 -16.68
CA ALA D 387 -25.33 -17.99 -16.75
C ALA D 387 -26.30 -16.83 -17.01
N LEU D 388 -26.10 -15.71 -16.31
CA LEU D 388 -26.96 -14.55 -16.52
C LEU D 388 -26.79 -13.99 -17.91
N ARG D 389 -25.56 -13.97 -18.44
CA ARG D 389 -25.34 -13.49 -19.80
C ARG D 389 -26.10 -14.34 -20.81
N ASP D 390 -26.04 -15.66 -20.64
CA ASP D 390 -26.77 -16.54 -21.55
C ASP D 390 -28.27 -16.28 -21.47
N LYS D 391 -28.81 -16.16 -20.25
CA LYS D 391 -30.24 -15.92 -20.11
C LYS D 391 -30.65 -14.58 -20.71
N VAL D 392 -29.83 -13.55 -20.51
CA VAL D 392 -30.14 -12.22 -21.03
C VAL D 392 -30.12 -12.22 -22.55
N VAL D 393 -29.09 -12.83 -23.16
CA VAL D 393 -29.02 -12.87 -24.61
C VAL D 393 -30.21 -13.65 -25.17
N GLY D 394 -30.57 -14.77 -24.53
CA GLY D 394 -31.72 -15.52 -24.98
C GLY D 394 -33.00 -14.72 -24.93
N TRP D 395 -33.25 -14.05 -23.80
CA TRP D 395 -34.48 -13.28 -23.66
C TRP D 395 -34.50 -12.11 -24.65
N LEU D 396 -33.35 -11.45 -24.85
CA LEU D 396 -33.30 -10.35 -25.79
C LEU D 396 -33.57 -10.81 -27.21
N SER D 397 -33.03 -11.96 -27.59
CA SER D 397 -33.32 -12.51 -28.92
C SER D 397 -34.80 -12.86 -29.05
N ASP D 398 -35.39 -13.43 -28.00
CA ASP D 398 -36.78 -13.89 -28.07
C ASP D 398 -37.80 -12.77 -27.89
N ASN D 399 -37.39 -11.60 -27.39
CA ASN D 399 -38.33 -10.54 -27.08
C ASN D 399 -37.80 -9.21 -27.63
N ASP D 400 -38.55 -8.15 -27.38
CA ASP D 400 -38.17 -6.82 -27.83
C ASP D 400 -37.08 -6.23 -26.94
N ALA D 401 -36.49 -5.13 -27.42
CA ALA D 401 -35.40 -4.48 -26.70
C ALA D 401 -35.81 -3.09 -26.26
N PRO D 402 -36.18 -2.89 -25.00
CA PRO D 402 -36.38 -1.52 -24.50
C PRO D 402 -35.08 -0.73 -24.55
N THR D 403 -35.22 0.57 -24.78
CA THR D 403 -34.05 1.41 -25.02
C THR D 403 -33.29 1.66 -23.72
N TYR D 404 -31.97 1.44 -23.77
CA TYR D 404 -31.06 1.81 -22.70
C TYR D 404 -29.92 2.63 -23.28
N ARG D 405 -29.54 3.69 -22.56
CA ARG D 405 -28.55 4.65 -23.04
C ARG D 405 -28.96 5.27 -24.37
N ASP D 406 -30.27 5.48 -24.53
CA ASP D 406 -30.85 6.09 -25.74
C ASP D 406 -30.46 5.31 -27.00
N ALA D 407 -30.49 3.98 -26.90
CA ALA D 407 -30.20 3.12 -28.03
C ALA D 407 -30.80 1.75 -27.77
N PRO D 408 -31.37 1.10 -28.78
CA PRO D 408 -31.90 -0.25 -28.59
C PRO D 408 -30.80 -1.23 -28.23
N LEU D 409 -31.17 -2.23 -27.45
CA LEU D 409 -30.22 -3.24 -26.98
C LEU D 409 -30.02 -4.31 -28.05
N GLU D 410 -28.77 -4.63 -28.32
CA GLU D 410 -28.41 -5.60 -29.35
C GLU D 410 -27.86 -6.86 -28.71
N ALA D 411 -28.21 -8.01 -29.30
CA ALA D 411 -27.71 -9.29 -28.78
C ALA D 411 -26.19 -9.38 -28.89
N ALA D 412 -25.62 -8.83 -29.95
CA ALA D 412 -24.16 -8.89 -30.12
C ALA D 412 -23.44 -8.17 -29.01
N THR D 413 -23.90 -6.96 -28.66
CA THR D 413 -23.23 -6.18 -27.61
C THR D 413 -23.33 -6.89 -26.27
N VAL D 414 -24.50 -7.43 -25.94
CA VAL D 414 -24.65 -8.12 -24.66
C VAL D 414 -23.81 -9.38 -24.62
N LYS D 415 -23.78 -10.14 -25.72
CA LYS D 415 -23.05 -11.41 -25.74
C LYS D 415 -21.56 -11.18 -25.52
N GLN D 416 -21.01 -10.12 -26.09
CA GLN D 416 -19.59 -9.83 -25.96
C GLN D 416 -19.22 -9.20 -24.62
N TRP D 417 -20.20 -8.90 -23.78
CA TRP D 417 -19.91 -8.27 -22.50
C TRP D 417 -19.17 -9.22 -21.57
N LYS D 418 -18.17 -8.68 -20.86
CA LYS D 418 -17.39 -9.43 -19.88
C LYS D 418 -17.57 -8.91 -18.47
N SER D 419 -17.40 -7.62 -18.25
CA SER D 419 -17.39 -7.08 -16.90
C SER D 419 -18.77 -7.22 -16.27
N PRO D 420 -18.84 -7.57 -14.97
CA PRO D 420 -20.12 -7.51 -14.28
C PRO D 420 -20.68 -6.11 -14.16
N GLN D 421 -19.83 -5.10 -14.35
CA GLN D 421 -20.28 -3.71 -14.21
C GLN D 421 -21.30 -3.34 -15.26
N ARG D 422 -21.12 -3.82 -16.49
CA ARG D 422 -22.08 -3.52 -17.55
C ARG D 422 -23.46 -4.05 -17.19
N PHE D 423 -23.53 -5.31 -16.77
CA PHE D 423 -24.82 -5.89 -16.39
C PHE D 423 -25.39 -5.25 -15.14
N ALA D 424 -24.53 -4.87 -14.19
CA ALA D 424 -25.03 -4.18 -13.00
C ALA D 424 -25.67 -2.85 -13.37
N SER D 425 -25.02 -2.09 -14.25
CA SER D 425 -25.59 -0.83 -14.71
C SER D 425 -26.89 -1.05 -15.46
N LEU D 426 -26.94 -2.07 -16.31
CA LEU D 426 -28.18 -2.37 -17.02
C LEU D 426 -29.29 -2.74 -16.05
N ALA D 427 -28.96 -3.53 -15.02
CA ALA D 427 -29.96 -3.90 -14.03
C ALA D 427 -30.46 -2.67 -13.27
N HIS D 428 -29.55 -1.77 -12.92
CA HIS D 428 -29.96 -0.54 -12.26
C HIS D 428 -30.90 0.26 -13.14
N ALA D 429 -30.58 0.37 -14.44
CA ALA D 429 -31.45 1.10 -15.35
C ALA D 429 -32.82 0.45 -15.46
N TRP D 430 -32.87 -0.88 -15.50
CA TRP D 430 -34.11 -1.63 -15.63
C TRP D 430 -34.58 -2.20 -14.30
N LYS D 431 -34.37 -1.47 -13.20
CA LYS D 431 -34.76 -1.99 -11.90
C LYS D 431 -36.25 -2.28 -11.83
N ASP D 432 -37.07 -1.47 -12.50
CA ASP D 432 -38.51 -1.68 -12.48
C ASP D 432 -39.09 -1.49 -13.88
N ASN D 433 -38.45 -2.10 -14.87
CA ASN D 433 -39.02 -2.12 -16.21
C ASN D 433 -40.33 -2.88 -16.27
N GLY D 434 -40.61 -3.72 -15.28
CA GLY D 434 -41.78 -4.55 -15.28
C GLY D 434 -41.65 -5.83 -16.06
N THR D 435 -40.65 -5.94 -16.93
CA THR D 435 -40.42 -7.15 -17.70
C THR D 435 -39.90 -8.25 -16.77
N GLU D 436 -40.10 -9.50 -17.21
CA GLU D 436 -39.63 -10.63 -16.42
C GLU D 436 -38.13 -10.59 -16.23
N ILE D 437 -37.39 -10.36 -17.32
CA ILE D 437 -35.93 -10.42 -17.27
C ILE D 437 -35.39 -9.44 -16.25
N SER D 438 -36.05 -8.28 -16.09
CA SER D 438 -35.63 -7.31 -15.09
C SER D 438 -35.49 -7.95 -13.72
N ASP D 439 -36.54 -8.66 -13.28
CA ASP D 439 -36.45 -9.38 -12.02
C ASP D 439 -35.27 -10.34 -12.03
N ILE D 440 -35.14 -11.10 -13.12
CA ILE D 440 -33.99 -11.99 -13.27
C ILE D 440 -32.70 -11.22 -13.09
N LEU D 441 -32.61 -10.06 -13.76
CA LEU D 441 -31.42 -9.23 -13.63
C LEU D 441 -31.19 -8.85 -12.18
N TRP D 442 -32.25 -8.39 -11.50
CA TRP D 442 -32.07 -8.04 -10.09
C TRP D 442 -31.69 -9.27 -9.29
N ALA D 443 -32.26 -10.42 -9.66
CA ALA D 443 -31.94 -11.67 -8.98
C ALA D 443 -30.44 -11.89 -8.94
N TRP D 444 -29.75 -11.44 -9.99
CA TRP D 444 -28.29 -11.52 -9.97
C TRP D 444 -27.69 -10.35 -9.20
N PHE D 445 -28.13 -9.13 -9.49
CA PHE D 445 -27.39 -7.96 -9.02
C PHE D 445 -27.33 -7.90 -7.52
N SER D 446 -28.38 -8.36 -6.84
CA SER D 446 -28.30 -8.47 -5.38
C SER D 446 -27.15 -9.38 -4.99
N LEU D 447 -27.21 -10.66 -5.39
CA LEU D 447 -26.24 -11.62 -4.93
C LEU D 447 -24.82 -11.23 -5.31
N ASP D 448 -24.63 -10.77 -6.54
CA ASP D 448 -23.29 -10.36 -6.95
C ASP D 448 -22.73 -9.30 -6.02
N ARG D 449 -23.55 -8.34 -5.60
CA ARG D 449 -23.01 -7.25 -4.79
C ARG D 449 -22.69 -7.72 -3.38
N LYS D 450 -23.24 -8.87 -2.96
CA LYS D 450 -22.83 -9.42 -1.67
C LYS D 450 -21.51 -10.17 -1.82
N GLN D 451 -21.49 -11.19 -2.66
CA GLN D 451 -20.31 -12.04 -2.77
C GLN D 451 -19.09 -11.25 -3.20
N TRP D 452 -19.26 -10.29 -4.11
CA TRP D 452 -18.16 -9.42 -4.50
C TRP D 452 -17.51 -8.82 -3.27
N ALA D 453 -18.32 -8.27 -2.35
CA ALA D 453 -17.78 -7.73 -1.12
C ALA D 453 -16.92 -8.76 -0.43
N GLN D 454 -17.48 -9.95 -0.20
CA GLN D 454 -16.72 -11.02 0.42
C GLN D 454 -15.43 -11.24 -0.35
N GLN D 455 -15.56 -11.40 -1.68
CA GLN D 455 -14.41 -11.75 -2.50
C GLN D 455 -13.27 -10.77 -2.28
N GLU D 456 -13.58 -9.50 -2.03
CA GLU D 456 -12.49 -8.58 -1.76
C GLU D 456 -12.22 -8.47 -0.27
N ASN D 457 -13.27 -8.31 0.52
CA ASN D 457 -13.06 -7.92 1.92
C ASN D 457 -12.23 -8.95 2.65
N GLY D 458 -12.63 -10.22 2.58
CA GLY D 458 -11.86 -11.26 3.22
C GLY D 458 -10.42 -11.24 2.77
N ARG D 459 -10.20 -11.08 1.46
CA ARG D 459 -8.84 -11.01 0.96
C ARG D 459 -8.04 -9.94 1.70
N ARG D 460 -8.59 -8.71 1.75
CA ARG D 460 -7.91 -7.65 2.47
C ARG D 460 -7.62 -8.08 3.90
N LYS D 461 -8.66 -8.57 4.59
CA LYS D 461 -8.47 -9.02 5.96
C LYS D 461 -7.31 -9.99 6.03
N ALA D 462 -7.31 -11.01 5.16
CA ALA D 462 -6.25 -12.00 5.18
C ALA D 462 -4.90 -11.32 5.03
N LEU D 463 -4.74 -10.50 3.99
CA LEU D 463 -3.47 -9.82 3.81
C LEU D 463 -3.16 -8.98 5.02
N GLY D 464 -4.16 -8.25 5.52
CA GLY D 464 -3.96 -7.46 6.71
C GLY D 464 -3.37 -8.28 7.83
N HIS D 465 -3.97 -9.45 8.09
CA HIS D 465 -3.47 -10.29 9.16
C HIS D 465 -1.98 -10.53 8.99
N ARG D 466 -1.59 -10.98 7.79
CA ARG D 466 -0.19 -11.27 7.55
C ARG D 466 0.67 -10.07 7.86
N ASP D 467 0.29 -8.91 7.31
CA ASP D 467 1.08 -7.72 7.53
C ASP D 467 1.23 -7.46 9.03
N ASP D 468 0.13 -7.54 9.76
CA ASP D 468 0.19 -7.27 11.19
C ASP D 468 1.25 -8.14 11.83
N LEU D 469 1.21 -9.45 11.55
CA LEU D 469 2.18 -10.35 12.14
C LEU D 469 3.59 -9.85 11.88
N TYR D 470 3.89 -9.58 10.61
CA TYR D 470 5.22 -9.12 10.25
C TYR D 470 5.61 -7.93 11.10
N ARG D 471 4.74 -6.93 11.16
CA ARG D 471 5.06 -5.72 11.92
C ARG D 471 5.30 -6.08 13.38
N GLN D 472 4.43 -6.90 13.95
CA GLN D 472 4.63 -7.30 15.35
C GLN D 472 6.01 -7.88 15.53
N ILE D 473 6.38 -8.82 14.66
CA ILE D 473 7.69 -9.46 14.78
C ILE D 473 8.79 -8.42 14.70
N ALA D 474 8.69 -7.51 13.73
CA ALA D 474 9.68 -6.46 13.61
C ALA D 474 9.83 -5.72 14.94
N ALA D 475 8.70 -5.36 15.55
CA ALA D 475 8.75 -4.65 16.81
C ALA D 475 9.64 -5.36 17.81
N VAL D 476 9.41 -6.66 18.00
CA VAL D 476 10.11 -7.34 19.08
C VAL D 476 11.61 -7.28 18.85
N ILE D 477 12.04 -7.37 17.59
CA ILE D 477 13.46 -7.31 17.31
C ILE D 477 14.01 -5.96 17.74
N SER D 478 13.35 -4.88 17.33
CA SER D 478 13.81 -3.55 17.71
C SER D 478 13.70 -3.33 19.21
N ASP D 479 12.91 -4.15 19.91
CA ASP D 479 12.82 -4.01 21.34
C ASP D 479 14.04 -4.56 22.05
N GLN D 480 14.78 -5.44 21.41
CA GLN D 480 15.92 -6.05 22.07
C GLN D 480 17.21 -5.97 21.26
N ALA D 481 17.13 -6.06 19.94
CA ALA D 481 18.33 -6.20 19.13
C ALA D 481 19.20 -4.96 19.22
N GLY D 482 20.52 -5.16 19.23
CA GLY D 482 21.46 -4.07 19.15
C GLY D 482 22.12 -3.98 17.79
N HIS D 483 21.88 -4.97 16.96
CA HIS D 483 22.46 -5.03 15.62
C HIS D 483 21.70 -6.09 14.83
N VAL D 484 21.05 -5.68 13.75
CA VAL D 484 20.26 -6.58 12.93
C VAL D 484 20.94 -6.74 11.58
N LEU D 485 21.15 -7.98 11.16
CA LEU D 485 21.78 -8.29 9.89
C LEU D 485 20.77 -8.91 8.95
N VAL D 486 20.79 -8.47 7.69
CA VAL D 486 19.86 -8.96 6.68
C VAL D 486 20.64 -9.32 5.43
N ASP D 487 20.15 -10.32 4.70
CA ASP D 487 20.77 -10.72 3.44
C ASP D 487 20.36 -9.76 2.32
N ASP D 488 21.09 -9.83 1.21
CA ASP D 488 20.85 -8.91 0.10
C ASP D 488 20.44 -9.62 -1.18
N THR D 489 21.30 -10.51 -1.68
CA THR D 489 21.10 -11.17 -2.97
C THR D 489 20.38 -12.50 -2.82
N SER D 490 19.98 -12.85 -1.60
CA SER D 490 19.18 -14.05 -1.33
C SER D 490 17.69 -13.75 -1.36
N VAL D 491 17.30 -12.62 -1.94
CA VAL D 491 15.91 -12.19 -1.99
C VAL D 491 15.38 -12.24 -3.43
N ALA D 492 15.93 -11.41 -4.31
CA ALA D 492 15.40 -11.27 -5.66
C ALA D 492 15.66 -12.52 -6.50
N GLU D 493 16.93 -12.85 -6.73
CA GLU D 493 17.26 -13.99 -7.58
C GLU D 493 16.78 -15.30 -6.96
N LEU D 494 16.92 -15.47 -5.65
CA LEU D 494 16.45 -16.69 -5.02
C LEU D 494 14.93 -16.80 -5.12
N SER D 495 14.20 -15.71 -4.89
CA SER D 495 12.76 -15.74 -5.05
C SER D 495 12.36 -16.01 -6.50
N ALA D 496 13.22 -15.63 -7.45
CA ALA D 496 12.94 -15.91 -8.85
C ALA D 496 13.19 -17.36 -9.22
N ARG D 497 14.21 -17.99 -8.63
CA ARG D 497 14.68 -19.30 -9.10
C ARG D 497 14.31 -20.43 -8.15
N ALA D 498 14.68 -20.35 -6.87
CA ALA D 498 14.50 -21.48 -5.97
C ALA D 498 13.15 -21.44 -5.26
N MET D 499 12.31 -20.46 -5.55
CA MET D 499 10.97 -20.41 -4.98
C MET D 499 10.20 -21.65 -5.40
N GLU D 500 9.90 -22.53 -4.43
CA GLU D 500 9.21 -23.78 -4.71
C GLU D 500 8.81 -24.47 -3.42
N GLN D 509 4.15 -24.46 -11.70
CA GLN D 509 4.77 -23.23 -11.21
C GLN D 509 3.72 -22.21 -10.77
N GLN D 510 2.54 -22.29 -11.36
CA GLN D 510 1.47 -21.35 -11.00
C GLN D 510 1.08 -21.52 -9.53
N LYS D 511 0.93 -22.76 -9.08
CA LYS D 511 0.70 -23.00 -7.67
C LYS D 511 1.95 -22.71 -6.84
N ILE D 512 3.13 -22.99 -7.41
CA ILE D 512 4.37 -22.69 -6.71
C ILE D 512 4.52 -21.19 -6.48
N ASP D 513 4.26 -20.40 -7.53
CA ASP D 513 4.35 -18.95 -7.40
C ASP D 513 3.21 -18.38 -6.57
N ARG D 514 2.15 -19.14 -6.35
CA ARG D 514 1.05 -18.66 -5.52
C ARG D 514 1.49 -18.55 -4.05
N ARG D 515 2.29 -19.50 -3.58
CA ARG D 515 2.74 -19.47 -2.19
C ARG D 515 3.55 -18.21 -1.90
N ARG D 516 4.44 -17.83 -2.82
CA ARG D 516 5.30 -16.69 -2.58
C ARG D 516 4.49 -15.40 -2.45
N ASP D 517 3.44 -15.26 -3.26
CA ASP D 517 2.54 -14.12 -3.09
C ASP D 517 1.88 -14.15 -1.72
N HIS D 518 1.43 -15.32 -1.29
CA HIS D 518 0.81 -15.43 0.03
C HIS D 518 1.84 -15.29 1.14
N ALA D 519 3.06 -15.78 0.93
CA ALA D 519 4.10 -15.62 1.94
C ALA D 519 4.61 -14.18 2.00
N ALA D 520 4.86 -13.59 0.83
CA ALA D 520 5.39 -12.23 0.70
C ALA D 520 6.55 -11.97 1.68
N PRO D 521 7.63 -12.76 1.61
CA PRO D 521 8.74 -12.54 2.56
C PRO D 521 9.40 -11.18 2.42
N GLY D 522 9.39 -10.59 1.21
CA GLY D 522 9.95 -9.27 1.04
C GLY D 522 9.25 -8.23 1.90
N GLY D 523 7.95 -8.39 2.10
CA GLY D 523 7.24 -7.53 3.02
C GLY D 523 7.75 -7.64 4.44
N LEU D 524 8.03 -8.87 4.89
CA LEU D 524 8.60 -9.04 6.22
C LEU D 524 9.95 -8.35 6.32
N ARG D 525 10.78 -8.51 5.29
CA ARG D 525 12.09 -7.86 5.31
C ARG D 525 11.93 -6.34 5.39
N ALA D 526 11.02 -5.79 4.60
CA ALA D 526 10.83 -4.33 4.58
C ALA D 526 10.31 -3.82 5.91
N SER D 527 9.35 -4.53 6.53
CA SER D 527 8.83 -4.09 7.82
C SER D 527 9.91 -4.17 8.90
N VAL D 528 10.74 -5.21 8.87
CA VAL D 528 11.84 -5.30 9.82
C VAL D 528 12.79 -4.13 9.64
N VAL D 529 13.12 -3.81 8.39
CA VAL D 529 14.05 -2.71 8.12
C VAL D 529 13.47 -1.39 8.61
N ALA D 530 12.18 -1.18 8.36
CA ALA D 530 11.55 0.08 8.81
C ALA D 530 11.57 0.19 10.32
N ALA D 531 11.26 -0.90 11.02
CA ALA D 531 11.30 -0.85 12.48
C ALA D 531 12.69 -0.55 12.98
N MET D 532 13.70 -1.18 12.38
CA MET D 532 15.08 -0.94 12.82
C MET D 532 15.51 0.50 12.56
N THR D 533 15.12 1.06 11.42
CA THR D 533 15.45 2.45 11.13
C THR D 533 14.76 3.39 12.10
N ARG D 534 13.47 3.16 12.37
CA ARG D 534 12.73 4.07 13.22
C ARG D 534 13.19 4.01 14.67
N ASP D 535 13.55 2.82 15.15
CA ASP D 535 13.90 2.64 16.54
C ASP D 535 15.40 2.79 16.80
N GLY D 536 16.17 3.20 15.79
CA GLY D 536 17.58 3.48 15.98
C GLY D 536 18.50 2.28 15.92
N VAL D 537 17.98 1.11 15.58
CA VAL D 537 18.80 -0.11 15.51
C VAL D 537 19.65 -0.06 14.25
N PRO D 538 20.98 -0.17 14.36
CA PRO D 538 21.81 -0.27 13.16
C PRO D 538 21.48 -1.53 12.38
N VAL D 539 21.49 -1.41 11.06
CA VAL D 539 21.20 -2.51 10.16
C VAL D 539 22.43 -2.76 9.30
N THR D 540 22.86 -4.00 9.23
CA THR D 540 23.99 -4.39 8.40
C THR D 540 23.53 -5.41 7.37
N ILE D 541 23.90 -5.19 6.12
CA ILE D 541 23.51 -6.06 5.02
C ILE D 541 24.70 -6.95 4.68
N VAL D 542 24.50 -8.25 4.81
CA VAL D 542 25.53 -9.24 4.54
C VAL D 542 25.39 -9.74 3.12
N ALA D 543 26.51 -9.83 2.41
CA ALA D 543 26.52 -10.35 1.05
C ALA D 543 26.24 -11.84 1.08
N ALA D 544 25.08 -12.25 0.56
CA ALA D 544 24.71 -13.65 0.52
C ALA D 544 25.37 -14.40 -0.63
N ALA D 545 26.33 -13.78 -1.32
CA ALA D 545 27.01 -14.45 -2.40
C ALA D 545 27.90 -15.57 -1.86
N ASP D 546 27.83 -16.74 -2.50
CA ASP D 546 28.61 -17.91 -2.12
C ASP D 546 28.37 -18.30 -0.66
N PHE D 547 27.12 -18.17 -0.21
CA PHE D 547 26.72 -18.62 1.12
C PHE D 547 25.76 -19.78 1.08
N THR D 548 24.86 -19.83 0.08
CA THR D 548 23.93 -20.94 -0.02
C THR D 548 24.66 -22.26 -0.21
N ARG D 549 25.67 -22.28 -1.07
CA ARG D 549 26.46 -23.47 -1.32
C ARG D 549 27.44 -23.78 -0.19
N THR D 550 27.55 -22.90 0.79
CA THR D 550 28.52 -23.06 1.86
C THR D 550 27.91 -23.88 2.98
N HIS D 551 28.71 -24.78 3.53
CA HIS D 551 28.32 -25.60 4.67
C HIS D 551 29.06 -25.10 5.90
N SER D 552 28.31 -24.70 6.92
CA SER D 552 28.93 -24.07 8.08
C SER D 552 29.85 -25.03 8.81
N ARG D 553 29.45 -26.30 8.93
CA ARG D 553 30.25 -27.24 9.73
C ARG D 553 31.56 -27.58 9.02
N CYS D 554 31.57 -27.61 7.69
CA CYS D 554 32.77 -27.98 6.94
C CYS D 554 33.40 -26.82 6.17
N GLY D 555 32.61 -25.84 5.76
CA GLY D 555 33.16 -24.73 4.98
C GLY D 555 33.64 -25.07 3.59
N HIS D 556 32.86 -25.85 2.84
CA HIS D 556 33.18 -26.18 1.46
C HIS D 556 31.99 -25.85 0.58
N VAL D 557 32.26 -25.29 -0.59
CA VAL D 557 31.21 -24.89 -1.52
C VAL D 557 30.74 -26.13 -2.28
N ASN D 558 29.53 -26.60 -1.98
CA ASN D 558 28.96 -27.70 -2.72
C ASN D 558 28.40 -27.20 -4.05
N PRO D 559 28.41 -28.04 -5.08
CA PRO D 559 27.99 -27.58 -6.41
C PRO D 559 26.49 -27.30 -6.45
N ALA D 560 26.09 -26.61 -7.52
CA ALA D 560 24.68 -26.25 -7.74
C ALA D 560 24.03 -27.33 -8.59
N ASP D 561 23.64 -28.42 -7.92
CA ASP D 561 23.03 -29.58 -8.58
C ASP D 561 21.57 -29.74 -8.16
N ASP D 562 20.93 -28.64 -7.78
CA ASP D 562 19.56 -28.65 -7.24
C ASP D 562 19.44 -29.56 -6.03
N ARG D 563 20.56 -29.82 -5.35
CA ARG D 563 20.54 -30.65 -4.16
C ARG D 563 19.76 -29.98 -3.03
N TYR D 564 19.61 -28.66 -3.09
CA TYR D 564 18.95 -27.88 -2.04
C TYR D 564 17.46 -27.72 -2.28
N LEU D 565 16.85 -28.51 -3.17
CA LEU D 565 15.40 -28.46 -3.34
C LEU D 565 14.68 -28.89 -2.08
N SER D 566 15.36 -29.59 -1.17
CA SER D 566 14.82 -30.01 0.11
C SER D 566 15.77 -29.56 1.22
N ASN D 567 15.49 -30.03 2.43
CA ASN D 567 16.29 -29.69 3.60
C ASN D 567 16.07 -30.73 4.68
N PRO D 568 17.13 -31.28 5.29
CA PRO D 568 18.56 -30.96 5.09
C PRO D 568 19.14 -31.56 3.82
N VAL D 569 20.37 -31.21 3.48
CA VAL D 569 21.03 -31.63 2.25
C VAL D 569 22.40 -32.19 2.61
N ARG D 570 22.75 -33.33 2.01
CA ARG D 570 24.05 -33.93 2.24
C ARG D 570 25.17 -33.00 1.80
N CYS D 571 26.22 -32.94 2.60
CA CYS D 571 27.36 -32.07 2.34
C CYS D 571 28.42 -32.79 1.53
N ASP D 572 29.12 -32.03 0.68
CA ASP D 572 30.25 -32.55 -0.07
C ASP D 572 31.59 -32.15 0.55
N GLY D 573 31.58 -31.57 1.74
CA GLY D 573 32.77 -31.29 2.52
C GLY D 573 32.94 -32.30 3.62
N CYS D 574 32.48 -31.96 4.83
CA CYS D 574 32.45 -32.93 5.91
C CYS D 574 31.73 -34.21 5.51
N GLY D 575 30.62 -34.08 4.79
CA GLY D 575 29.91 -35.22 4.27
C GLY D 575 28.65 -35.63 5.02
N ALA D 576 27.93 -34.68 5.61
CA ALA D 576 26.73 -34.98 6.38
C ALA D 576 25.60 -34.05 5.98
N MET D 577 24.37 -34.50 6.17
CA MET D 577 23.21 -33.67 5.89
C MET D 577 23.18 -32.47 6.84
N TYR D 578 23.21 -31.27 6.26
CA TYR D 578 23.27 -30.04 7.04
C TYR D 578 22.11 -29.13 6.64
N ASP D 579 21.53 -28.46 7.64
CA ASP D 579 20.38 -27.60 7.42
C ASP D 579 20.78 -26.36 6.62
N GLN D 580 20.04 -26.06 5.56
CA GLN D 580 20.42 -24.98 4.66
C GLN D 580 20.13 -23.60 5.23
N ASP D 581 19.35 -23.50 6.31
CA ASP D 581 18.98 -22.21 6.88
C ASP D 581 19.82 -21.87 8.11
N ARG D 582 19.95 -22.82 9.03
CA ARG D 582 20.73 -22.58 10.23
C ARG D 582 22.19 -22.32 9.90
N SER D 583 22.75 -23.09 8.95
CA SER D 583 24.13 -22.85 8.56
C SER D 583 24.30 -21.47 7.94
N PHE D 584 23.34 -21.06 7.12
CA PHE D 584 23.37 -19.74 6.51
C PHE D 584 23.39 -18.64 7.58
N VAL D 585 22.50 -18.75 8.56
CA VAL D 585 22.40 -17.68 9.56
C VAL D 585 23.61 -17.69 10.48
N THR D 586 24.15 -18.86 10.80
CA THR D 586 25.35 -18.90 11.61
C THR D 586 26.53 -18.30 10.85
N LEU D 587 26.60 -18.53 9.54
CA LEU D 587 27.60 -17.86 8.73
C LEU D 587 27.41 -16.34 8.78
N MET D 588 26.16 -15.88 8.72
CA MET D 588 25.91 -14.45 8.80
C MET D 588 26.42 -13.87 10.11
N LEU D 589 26.10 -14.55 11.22
CA LEU D 589 26.55 -14.07 12.52
C LEU D 589 28.07 -14.08 12.62
N ARG D 590 28.71 -15.11 12.09
CA ARG D 590 30.18 -15.16 12.11
C ARG D 590 30.78 -14.03 11.29
N ALA D 591 30.22 -13.77 10.10
CA ALA D 591 30.77 -12.74 9.22
C ALA D 591 30.59 -11.36 9.80
N ALA D 592 29.45 -11.10 10.45
CA ALA D 592 29.24 -9.79 11.06
C ALA D 592 30.23 -9.54 12.18
N THR D 593 30.40 -10.51 13.09
CA THR D 593 31.32 -10.37 14.21
C THR D 593 32.65 -11.06 13.86
N ALA D 594 33.37 -10.42 12.93
CA ALA D 594 34.67 -10.91 12.52
C ALA D 594 35.72 -9.79 12.65
MG MG E . -14.26 -1.70 12.69
ZN ZN F . 30.67 -30.46 5.45
#